data_7O28
#
_entry.id   7O28
#
_cell.length_a   63.871
_cell.length_b   63.871
_cell.length_c   224.515
_cell.angle_alpha   90.000
_cell.angle_beta   90.000
_cell.angle_gamma   120.000
#
_symmetry.space_group_name_H-M   'P 32 2 1'
#
loop_
_entity.id
_entity.type
_entity.pdbx_description
1 polymer 'N6-adenosine-methyltransferase catalytic subunit'
2 polymer 'N6-adenosine-methyltransferase non-catalytic subunit'
3 non-polymer 9-(2-chloranyl-7~{H}-pyrrolo[2,3-d]pyrimidin-4-yl)-4-[4-[(4,4-dimethylpiperidin-1-yl)methyl]phenyl]-1,4,9-triazaspiro[5.5]undecan-2-one
4 non-polymer 'ACETATE ION'
5 water water
#
loop_
_entity_poly.entity_id
_entity_poly.type
_entity_poly.pdbx_seq_one_letter_code
_entity_poly.pdbx_strand_id
1 'polypeptide(L)'
;MGHHHHHHSSGRENLYFQGALTQSVGGDSSADRLFPPQWICCDIRYLDVSILGKFAVVMADPPWDIHMELPYGTLTDDEM
RRLNIPVLQDDGFLFLWVTGRAMELGRECLNLWGYERVDEIIWVKTNQLQRIIRTGRTGHWLNHGKEHCLVGVKGNPQGF
NQGLDCDVIVAEVRSTSHKPDEIYGMIERLSPGTRKIELFGRPHNVQPNWITLGNQLDGIHLLDPDVVARFKQRYPDGII
SKPKNL
;
A
2 'polypeptide(L)'
;MLKGTQSLNPHNDYCQHFVDTGHRPQNFIRDVGLADRFEEYPKLRELIRLKDELIAKSNTPPMYLQADIEAFDIRELTPK
FDVILLEPPLEEYYRETGITANEKCWTWDDIMKLEIDEIAAPRSFIFLWCGSGEGLDLGRVCLRKWGYRRCEDICWIKTN
KNNPGKTKTLDPKAVFQRTKEHCLMGIKGTVKRSTDGDFIHANVDIDLIITEEPEIGNIEKPVEIFHIIEHFCLGRRRLH
LFGRDSTIRPGWLTVGPTLTNSNYNAETYASYFSAPNSYLTGCTEEIERL
;
B
#
loop_
_chem_comp.id
_chem_comp.type
_chem_comp.name
_chem_comp.formula
ACT non-polymer 'ACETATE ION' 'C2 H3 O2 -1'
UZB non-polymer 9-(2-chloranyl-7~{H}-pyrrolo[2,3-d]pyrimidin-4-yl)-4-[4-[(4,4-dimethylpiperidin-1-yl)methyl]phenyl]-1,4,9-triazaspiro[5.5]undecan-2-one 'C28 H36 Cl N7 O'
#
# COMPACT_ATOMS: atom_id res chain seq x y z
N LEU A 34 -0.39 -33.10 11.63
CA LEU A 34 -0.96 -33.86 10.52
C LEU A 34 -1.01 -33.03 9.22
N PHE A 35 -0.14 -33.39 8.27
CA PHE A 35 0.05 -32.60 7.05
C PHE A 35 -1.21 -32.31 6.22
N PRO A 36 -2.17 -33.22 6.04
CA PRO A 36 -3.27 -32.96 5.07
C PRO A 36 -4.28 -31.94 5.58
N PRO A 37 -5.14 -31.40 4.71
CA PRO A 37 -6.01 -30.28 5.12
C PRO A 37 -6.88 -30.62 6.33
N GLN A 38 -7.18 -29.58 7.10
CA GLN A 38 -8.08 -29.68 8.25
C GLN A 38 -8.91 -28.41 8.29
N TRP A 39 -10.12 -28.51 8.84
CA TRP A 39 -10.98 -27.35 8.88
C TRP A 39 -12.03 -27.51 9.96
N ILE A 40 -12.64 -26.38 10.34
CA ILE A 40 -13.58 -26.29 11.44
C ILE A 40 -14.65 -25.28 11.03
N CYS A 41 -15.87 -25.75 10.76
CA CYS A 41 -16.98 -24.82 10.56
C CYS A 41 -17.32 -24.21 11.91
N CYS A 42 -17.32 -22.90 11.99
CA CYS A 42 -17.55 -22.23 13.26
C CYS A 42 -17.61 -20.72 13.02
N ASP A 43 -17.80 -20.00 14.11
CA ASP A 43 -17.75 -18.55 14.16
C ASP A 43 -16.52 -18.20 14.97
N ILE A 44 -15.54 -17.54 14.35
CA ILE A 44 -14.32 -17.25 15.10
C ILE A 44 -14.61 -16.38 16.32
N ARG A 45 -15.72 -15.64 16.30
CA ARG A 45 -16.08 -14.84 17.47
C ARG A 45 -16.24 -15.73 18.70
N TYR A 46 -16.83 -16.91 18.52
CA TYR A 46 -17.21 -17.73 19.67
C TYR A 46 -16.35 -18.96 19.86
N LEU A 47 -15.64 -19.40 18.82
CA LEU A 47 -14.73 -20.53 18.98
C LEU A 47 -13.65 -20.21 20.01
N ASP A 48 -13.28 -21.21 20.78
CA ASP A 48 -12.23 -21.11 21.80
C ASP A 48 -10.95 -21.52 21.10
N VAL A 49 -10.23 -20.53 20.56
CA VAL A 49 -9.09 -20.83 19.70
C VAL A 49 -7.89 -21.39 20.48
N SER A 50 -7.95 -21.40 21.81
CA SER A 50 -6.84 -21.96 22.57
C SER A 50 -6.63 -23.43 22.25
N ILE A 51 -7.71 -24.16 21.95
CA ILE A 51 -7.58 -25.58 21.65
C ILE A 51 -6.70 -25.83 20.43
N LEU A 52 -6.46 -24.80 19.63
CA LEU A 52 -5.79 -24.97 18.35
C LEU A 52 -4.28 -24.98 18.46
N GLY A 53 -3.69 -24.48 19.56
CA GLY A 53 -2.25 -24.42 19.66
C GLY A 53 -1.64 -23.23 18.92
N LYS A 54 -0.33 -23.32 18.65
CA LYS A 54 0.47 -22.23 18.12
C LYS A 54 0.77 -22.48 16.64
N PHE A 55 1.00 -21.40 15.90
CA PHE A 55 1.21 -21.52 14.46
C PHE A 55 2.34 -20.63 13.99
N ALA A 56 3.04 -21.09 12.96
CA ALA A 56 4.13 -20.29 12.42
C ALA A 56 3.60 -19.13 11.61
N VAL A 57 2.44 -19.30 10.96
CA VAL A 57 1.85 -18.31 10.10
C VAL A 57 0.36 -18.30 10.33
N VAL A 58 -0.20 -17.12 10.53
CA VAL A 58 -1.64 -16.91 10.50
C VAL A 58 -1.95 -16.08 9.26
N MET A 59 -3.01 -16.46 8.56
CA MET A 59 -3.58 -15.65 7.51
C MET A 59 -5.04 -15.36 7.83
N ALA A 60 -5.49 -14.15 7.50
CA ALA A 60 -6.89 -13.79 7.63
C ALA A 60 -7.27 -12.89 6.46
N ASP A 61 -8.52 -12.99 6.06
CA ASP A 61 -9.09 -12.18 5.00
C ASP A 61 -10.47 -11.79 5.50
N PRO A 62 -10.53 -10.86 6.45
CA PRO A 62 -11.75 -10.68 7.23
C PRO A 62 -12.83 -10.01 6.40
N PRO A 63 -14.08 -10.22 6.77
CA PRO A 63 -15.22 -9.48 6.20
C PRO A 63 -15.43 -8.15 6.90
N TRP A 64 -14.56 -7.21 6.58
CA TRP A 64 -14.64 -5.88 7.18
C TRP A 64 -15.97 -5.21 6.83
N ASP A 65 -16.57 -4.55 7.81
CA ASP A 65 -17.68 -3.63 7.55
C ASP A 65 -17.13 -2.39 6.85
N ILE A 66 -17.27 -2.34 5.52
CA ILE A 66 -16.74 -1.20 4.78
C ILE A 66 -17.78 -0.62 3.84
N LEU A 70 -23.96 -4.86 3.23
CA LEU A 70 -23.04 -6.00 3.39
C LEU A 70 -23.56 -7.26 2.68
N PRO A 71 -22.87 -7.71 1.61
CA PRO A 71 -23.37 -8.89 0.86
C PRO A 71 -23.22 -10.22 1.59
N TYR A 72 -22.44 -10.29 2.67
CA TYR A 72 -22.26 -11.51 3.45
C TYR A 72 -22.22 -11.16 4.93
N GLY A 73 -21.97 -12.17 5.76
CA GLY A 73 -21.79 -11.92 7.18
C GLY A 73 -20.61 -11.03 7.53
N THR A 74 -20.87 -9.77 7.91
CA THR A 74 -19.86 -8.78 8.28
C THR A 74 -19.62 -8.78 9.79
N LEU A 75 -18.42 -8.35 10.19
CA LEU A 75 -18.05 -8.11 11.58
C LEU A 75 -17.82 -6.62 11.81
N THR A 76 -18.17 -6.17 13.01
CA THR A 76 -17.93 -4.79 13.38
C THR A 76 -16.46 -4.57 13.69
N ASP A 77 -16.09 -3.30 13.78
CA ASP A 77 -14.70 -2.95 14.10
C ASP A 77 -14.30 -3.42 15.48
N ASP A 78 -15.22 -3.35 16.46
CA ASP A 78 -14.89 -3.85 17.79
C ASP A 78 -14.76 -5.36 17.78
N GLU A 79 -15.66 -6.04 17.06
CA GLU A 79 -15.54 -7.48 16.92
C GLU A 79 -14.20 -7.86 16.34
N MET A 80 -13.76 -7.13 15.31
CA MET A 80 -12.44 -7.39 14.76
C MET A 80 -11.34 -7.10 15.77
N ARG A 81 -11.48 -6.04 16.58
CA ARG A 81 -10.44 -5.75 17.57
C ARG A 81 -10.40 -6.80 18.66
N ARG A 82 -11.54 -7.43 18.94
CA ARG A 82 -11.60 -8.36 20.05
C ARG A 82 -11.18 -9.78 19.66
N LEU A 83 -10.98 -10.06 18.38
CA LEU A 83 -10.57 -11.40 17.98
C LEU A 83 -9.34 -11.85 18.76
N ASN A 84 -9.35 -13.11 19.16
CA ASN A 84 -8.28 -13.61 20.02
C ASN A 84 -7.12 -14.12 19.15
N ILE A 85 -6.62 -13.21 18.32
CA ILE A 85 -5.38 -13.49 17.58
C ILE A 85 -4.18 -13.73 18.48
N PRO A 86 -3.99 -13.02 19.59
CA PRO A 86 -2.70 -13.14 20.29
C PRO A 86 -2.38 -14.52 20.80
N VAL A 87 -3.37 -15.37 21.04
CA VAL A 87 -3.07 -16.69 21.59
C VAL A 87 -2.55 -17.60 20.49
N LEU A 88 -2.81 -17.24 19.23
CA LEU A 88 -2.51 -18.11 18.11
C LEU A 88 -1.02 -18.28 17.84
N GLN A 89 -0.17 -17.35 18.28
CA GLN A 89 1.24 -17.39 17.90
C GLN A 89 2.13 -16.95 19.06
N ASP A 90 3.35 -17.47 19.07
CA ASP A 90 4.42 -16.92 19.90
C ASP A 90 5.52 -16.26 19.10
N ASP A 91 5.97 -16.89 18.02
CA ASP A 91 6.86 -16.25 17.07
C ASP A 91 6.41 -16.63 15.68
N GLY A 92 6.11 -15.63 14.86
CA GLY A 92 5.64 -15.93 13.53
C GLY A 92 5.12 -14.71 12.81
N PHE A 93 4.43 -15.00 11.71
CA PHE A 93 3.97 -14.02 10.76
C PHE A 93 2.46 -14.03 10.67
N LEU A 94 1.91 -12.84 10.44
CA LEU A 94 0.49 -12.66 10.15
C LEU A 94 0.35 -12.08 8.77
N PHE A 95 -0.50 -12.68 7.95
CA PHE A 95 -0.86 -12.16 6.64
C PHE A 95 -2.31 -11.74 6.67
N LEU A 96 -2.57 -10.44 6.47
CA LEU A 96 -3.89 -9.85 6.74
C LEU A 96 -4.39 -9.05 5.54
N TRP A 97 -5.37 -9.59 4.82
CA TRP A 97 -5.91 -8.90 3.65
C TRP A 97 -6.76 -7.73 4.09
N VAL A 98 -6.70 -6.64 3.33
CA VAL A 98 -7.38 -5.40 3.66
C VAL A 98 -7.91 -4.78 2.37
N THR A 99 -8.68 -3.71 2.54
CA THR A 99 -9.25 -2.99 1.40
C THR A 99 -9.95 -1.75 1.90
N GLY A 100 -9.90 -0.68 1.11
CA GLY A 100 -10.64 0.52 1.48
C GLY A 100 -10.15 1.04 2.81
N ARG A 101 -11.11 1.29 3.71
CA ARG A 101 -10.78 1.85 5.01
C ARG A 101 -10.20 0.82 5.96
N ALA A 102 -10.35 -0.47 5.62
CA ALA A 102 -9.68 -1.48 6.41
C ALA A 102 -8.17 -1.38 6.29
N MET A 103 -7.66 -0.67 5.27
CA MET A 103 -6.22 -0.48 5.17
C MET A 103 -5.65 0.13 6.43
N GLU A 104 -6.41 1.03 7.07
CA GLU A 104 -6.04 1.69 8.33
C GLU A 104 -6.49 0.86 9.52
N LEU A 105 -7.76 0.46 9.51
CA LEU A 105 -8.27 -0.40 10.56
C LEU A 105 -7.45 -1.67 10.67
N GLY A 106 -7.15 -2.31 9.54
CA GLY A 106 -6.32 -3.51 9.57
C GLY A 106 -4.97 -3.27 10.19
N ARG A 107 -4.40 -2.08 10.00
CA ARG A 107 -3.16 -1.72 10.66
C ARG A 107 -3.37 -1.58 12.16
N GLU A 108 -4.53 -1.08 12.57
CA GLU A 108 -4.84 -0.97 13.98
C GLU A 108 -4.96 -2.36 14.61
N CYS A 109 -5.75 -3.24 14.00
CA CYS A 109 -5.86 -4.59 14.55
C CYS A 109 -4.51 -5.27 14.60
N LEU A 110 -3.74 -5.12 13.54
CA LEU A 110 -2.43 -5.74 13.50
C LEU A 110 -1.60 -5.32 14.70
N ASN A 111 -1.55 -4.01 14.98
CA ASN A 111 -0.79 -3.51 16.12
C ASN A 111 -1.43 -3.92 17.43
N LEU A 112 -2.75 -3.75 17.55
CA LEU A 112 -3.43 -4.16 18.76
C LEU A 112 -3.08 -5.60 19.10
N TRP A 113 -3.17 -6.49 18.11
CA TRP A 113 -2.94 -7.90 18.39
C TRP A 113 -1.49 -8.22 18.74
N GLY A 114 -0.59 -7.24 18.67
CA GLY A 114 0.80 -7.42 19.04
C GLY A 114 1.78 -7.63 17.91
N TYR A 115 1.41 -7.35 16.67
CA TYR A 115 2.34 -7.52 15.57
C TYR A 115 2.94 -6.20 15.12
N GLU A 116 4.09 -6.29 14.48
CA GLU A 116 4.69 -5.18 13.72
C GLU A 116 4.50 -5.43 12.23
N ARG A 117 4.04 -4.41 11.51
CA ARG A 117 3.87 -4.55 10.06
C ARG A 117 5.23 -4.37 9.41
N VAL A 118 5.75 -5.45 8.84
CA VAL A 118 7.09 -5.44 8.27
C VAL A 118 7.11 -5.59 6.77
N ASP A 119 5.97 -5.87 6.13
CA ASP A 119 5.91 -5.86 4.68
C ASP A 119 4.46 -5.62 4.27
N GLU A 120 4.26 -5.39 2.98
CA GLU A 120 2.92 -5.29 2.44
C GLU A 120 2.95 -5.83 1.01
N ILE A 121 2.23 -6.90 0.78
CA ILE A 121 2.11 -7.53 -0.54
C ILE A 121 0.97 -6.88 -1.28
N ILE A 122 1.14 -6.63 -2.57
CA ILE A 122 0.00 -6.28 -3.41
C ILE A 122 -0.15 -7.33 -4.49
N TRP A 123 -1.39 -7.66 -4.80
CA TRP A 123 -1.71 -8.59 -5.87
C TRP A 123 -2.24 -7.78 -7.05
N VAL A 124 -1.51 -7.81 -8.16
CA VAL A 124 -1.95 -7.15 -9.38
C VAL A 124 -2.93 -8.07 -10.10
N LYS A 125 -4.12 -7.57 -10.35
CA LYS A 125 -5.20 -8.37 -10.93
C LYS A 125 -5.12 -8.29 -12.45
N THR A 126 -4.69 -9.37 -13.09
CA THR A 126 -4.67 -9.47 -14.56
C THR A 126 -5.80 -10.37 -15.05
N ASN A 127 -5.95 -10.41 -16.38
CA ASN A 127 -6.81 -11.36 -17.06
C ASN A 127 -5.98 -12.53 -17.64
N GLN A 128 -6.48 -13.16 -18.70
CA GLN A 128 -5.71 -14.25 -19.31
C GLN A 128 -4.67 -13.75 -20.29
N LEU A 129 -4.79 -12.49 -20.76
CA LEU A 129 -3.79 -11.86 -21.61
C LEU A 129 -2.73 -11.11 -20.81
N GLN A 130 -2.68 -11.30 -19.49
CA GLN A 130 -1.73 -10.66 -18.60
C GLN A 130 -1.76 -9.14 -18.78
N ARG A 131 -2.97 -8.59 -18.76
CA ARG A 131 -3.20 -7.15 -18.79
C ARG A 131 -4.03 -6.78 -17.56
N ILE A 132 -3.88 -5.53 -17.11
CA ILE A 132 -4.47 -5.14 -15.83
C ILE A 132 -5.98 -5.00 -15.98
N ILE A 133 -6.70 -5.53 -15.00
CA ILE A 133 -8.16 -5.45 -14.99
C ILE A 133 -8.62 -3.99 -14.94
N HIS A 140 -13.40 4.70 -6.02
CA HIS A 140 -13.58 6.04 -5.46
C HIS A 140 -13.05 7.10 -6.42
N TRP A 141 -11.76 7.43 -6.32
CA TRP A 141 -11.11 8.38 -7.23
C TRP A 141 -10.36 7.69 -8.35
N LEU A 142 -9.93 6.45 -8.13
CA LEU A 142 -9.12 5.69 -9.08
C LEU A 142 -9.69 4.28 -9.20
N ASN A 143 -9.60 3.72 -10.40
CA ASN A 143 -9.87 2.30 -10.56
C ASN A 143 -8.80 1.47 -9.86
N HIS A 144 -9.22 0.43 -9.15
CA HIS A 144 -8.32 -0.34 -8.30
C HIS A 144 -7.80 -1.56 -9.07
N GLY A 145 -6.54 -1.50 -9.47
CA GLY A 145 -5.91 -2.61 -10.13
C GLY A 145 -5.22 -3.59 -9.20
N LYS A 146 -5.49 -3.55 -7.90
CA LYS A 146 -4.67 -4.31 -6.98
C LYS A 146 -5.42 -4.55 -5.68
N GLU A 147 -4.95 -5.55 -4.93
CA GLU A 147 -5.41 -5.81 -3.57
C GLU A 147 -4.21 -5.93 -2.65
N HIS A 148 -4.37 -5.45 -1.43
CA HIS A 148 -3.28 -5.37 -0.46
C HIS A 148 -3.42 -6.46 0.59
N CYS A 149 -2.27 -6.97 1.02
CA CYS A 149 -2.19 -7.94 2.10
C CYS A 149 -1.05 -7.49 3.00
N LEU A 150 -1.39 -7.10 4.23
CA LEU A 150 -0.37 -6.68 5.17
C LEU A 150 0.36 -7.88 5.72
N VAL A 151 1.66 -7.69 5.99
CA VAL A 151 2.48 -8.74 6.61
C VAL A 151 2.96 -8.25 7.96
N GLY A 152 2.57 -8.95 9.02
CA GLY A 152 2.96 -8.60 10.38
C GLY A 152 3.88 -9.66 10.95
N VAL A 153 4.76 -9.25 11.87
CA VAL A 153 5.62 -10.19 12.56
C VAL A 153 5.40 -10.07 14.05
N LYS A 154 5.66 -11.16 14.77
CA LYS A 154 5.49 -11.22 16.21
C LYS A 154 6.60 -12.07 16.81
N GLY A 155 7.21 -11.59 17.89
CA GLY A 155 8.20 -12.39 18.58
C GLY A 155 9.55 -12.35 17.88
N ASN A 156 10.26 -13.47 17.92
CA ASN A 156 11.54 -13.64 17.25
C ASN A 156 11.51 -14.91 16.41
N PRO A 157 10.79 -14.90 15.29
CA PRO A 157 10.73 -16.11 14.46
C PRO A 157 12.07 -16.37 13.78
N GLN A 158 12.48 -17.64 13.78
CA GLN A 158 13.80 -18.05 13.31
C GLN A 158 13.69 -19.27 12.41
N GLY A 159 14.59 -19.35 11.45
CA GLY A 159 14.61 -20.43 10.50
C GLY A 159 13.69 -20.22 9.33
N PHE A 160 13.27 -18.99 9.11
CA PHE A 160 12.42 -18.70 7.98
C PHE A 160 13.29 -18.26 6.82
N ASN A 161 12.72 -18.34 5.63
CA ASN A 161 13.43 -18.01 4.41
C ASN A 161 12.94 -16.66 3.90
N GLN A 162 13.27 -15.61 4.65
CA GLN A 162 12.99 -14.27 4.18
C GLN A 162 13.78 -14.01 2.91
N GLY A 163 13.17 -13.27 1.97
CA GLY A 163 13.82 -12.84 0.75
C GLY A 163 13.53 -13.68 -0.48
N LEU A 164 12.86 -14.83 -0.32
CA LEU A 164 12.68 -15.72 -1.47
C LEU A 164 11.77 -15.10 -2.51
N ASP A 165 10.67 -14.52 -2.09
CA ASP A 165 9.76 -13.96 -3.07
C ASP A 165 9.81 -12.45 -2.97
N CYS A 166 9.02 -11.80 -3.80
CA CYS A 166 8.95 -10.35 -3.75
C CYS A 166 7.52 -9.93 -3.47
N ASP A 167 7.36 -8.66 -3.08
CA ASP A 167 6.08 -8.22 -2.52
C ASP A 167 5.02 -7.95 -3.57
N VAL A 168 5.16 -8.44 -4.80
CA VAL A 168 4.12 -8.29 -5.81
C VAL A 168 3.68 -9.66 -6.29
N ILE A 169 2.37 -9.84 -6.40
CA ILE A 169 1.77 -11.03 -6.99
C ILE A 169 1.08 -10.61 -8.28
N VAL A 170 1.36 -11.31 -9.37
CA VAL A 170 0.64 -11.12 -10.62
C VAL A 170 -0.09 -12.41 -10.92
N ALA A 171 -1.41 -12.33 -11.06
CA ALA A 171 -2.22 -13.55 -11.17
C ALA A 171 -3.61 -13.19 -11.64
N GLU A 172 -4.27 -14.17 -12.25
CA GLU A 172 -5.60 -14.00 -12.83
C GLU A 172 -6.66 -14.09 -11.75
N VAL A 173 -7.75 -13.35 -11.96
CA VAL A 173 -8.89 -13.35 -11.05
C VAL A 173 -9.75 -14.59 -11.26
N ARG A 174 -9.96 -15.38 -10.21
CA ARG A 174 -10.90 -16.49 -10.30
C ARG A 174 -12.33 -16.01 -10.01
N SER A 175 -12.88 -16.37 -8.86
CA SER A 175 -14.21 -15.90 -8.50
C SER A 175 -14.10 -14.57 -7.76
N THR A 176 -15.24 -13.90 -7.59
CA THR A 176 -15.23 -12.71 -6.77
C THR A 176 -14.87 -13.08 -5.33
N SER A 177 -14.20 -12.16 -4.65
CA SER A 177 -13.81 -12.34 -3.27
C SER A 177 -12.81 -13.47 -3.05
N HIS A 178 -12.20 -14.03 -4.10
CA HIS A 178 -11.20 -15.08 -3.95
C HIS A 178 -9.79 -14.49 -3.95
N LYS A 179 -8.99 -14.89 -2.98
CA LYS A 179 -7.59 -14.50 -2.99
C LYS A 179 -6.80 -15.45 -3.92
N PRO A 180 -5.65 -15.03 -4.41
CA PRO A 180 -4.90 -15.86 -5.36
C PRO A 180 -4.11 -16.97 -4.67
N ASP A 181 -4.06 -18.13 -5.31
CA ASP A 181 -3.39 -19.27 -4.71
C ASP A 181 -1.91 -19.03 -4.50
N GLU A 182 -1.31 -18.11 -5.26
CA GLU A 182 0.12 -17.85 -5.11
C GLU A 182 0.50 -17.56 -3.66
N ILE A 183 -0.41 -16.96 -2.89
CA ILE A 183 -0.11 -16.61 -1.51
C ILE A 183 0.32 -17.85 -0.73
N TYR A 184 -0.26 -19.01 -1.05
CA TYR A 184 0.07 -20.22 -0.30
C TYR A 184 1.46 -20.72 -0.67
N GLY A 185 1.84 -20.62 -1.95
CA GLY A 185 3.18 -21.00 -2.32
C GLY A 185 4.21 -20.06 -1.74
N MET A 186 3.89 -18.76 -1.72
CA MET A 186 4.77 -17.80 -1.06
C MET A 186 4.91 -18.11 0.42
N ILE A 187 3.80 -18.48 1.07
CA ILE A 187 3.89 -18.73 2.49
C ILE A 187 4.62 -20.03 2.78
N GLU A 188 4.48 -21.02 1.89
CA GLU A 188 5.18 -22.29 2.08
C GLU A 188 6.69 -22.16 1.86
N ARG A 189 7.11 -21.41 0.85
CA ARG A 189 8.55 -21.18 0.70
C ARG A 189 9.10 -20.40 1.88
N LEU A 190 8.30 -19.48 2.44
CA LEU A 190 8.77 -18.69 3.57
C LEU A 190 8.98 -19.57 4.80
N SER A 191 8.03 -20.46 5.07
CA SER A 191 8.00 -21.23 6.30
C SER A 191 7.59 -22.66 6.01
N PRO A 192 8.49 -23.47 5.46
CA PRO A 192 8.09 -24.77 4.92
C PRO A 192 7.85 -25.79 6.02
N GLY A 193 6.78 -26.57 5.82
CA GLY A 193 6.39 -27.65 6.70
C GLY A 193 5.75 -27.28 8.03
N THR A 194 5.58 -26.00 8.33
CA THR A 194 5.13 -25.56 9.64
C THR A 194 3.61 -25.45 9.70
N ARG A 195 3.09 -25.37 10.93
CA ARG A 195 1.65 -25.23 11.16
C ARG A 195 1.16 -23.83 10.79
N LYS A 196 0.06 -23.78 10.05
CA LYS A 196 -0.46 -22.52 9.55
C LYS A 196 -1.97 -22.53 9.70
N ILE A 197 -2.55 -21.41 10.11
CA ILE A 197 -4.00 -21.31 10.25
C ILE A 197 -4.53 -20.14 9.43
N GLU A 198 -5.68 -20.38 8.80
CA GLU A 198 -6.37 -19.37 8.00
C GLU A 198 -7.70 -19.04 8.66
N LEU A 199 -8.00 -17.75 8.76
CA LEU A 199 -9.22 -17.29 9.39
C LEU A 199 -10.13 -16.70 8.33
N PHE A 200 -11.42 -16.95 8.47
CA PHE A 200 -12.42 -16.54 7.48
C PHE A 200 -12.10 -17.14 6.12
N GLY A 201 -11.82 -18.43 6.10
CA GLY A 201 -11.69 -19.14 4.85
C GLY A 201 -13.03 -19.63 4.32
N ARG A 202 -12.98 -20.17 3.10
CA ARG A 202 -14.09 -20.86 2.47
C ARG A 202 -13.57 -22.19 1.96
N PRO A 203 -14.44 -23.06 1.43
CA PRO A 203 -13.98 -24.43 1.07
C PRO A 203 -12.72 -24.49 0.23
N HIS A 204 -12.63 -23.71 -0.86
CA HIS A 204 -11.46 -23.78 -1.73
C HIS A 204 -10.17 -23.44 -1.00
N ASN A 205 -10.27 -22.74 0.13
CA ASN A 205 -9.08 -22.30 0.85
C ASN A 205 -8.34 -23.43 1.57
N VAL A 206 -8.88 -24.65 1.62
CA VAL A 206 -8.26 -25.68 2.44
C VAL A 206 -6.98 -26.16 1.77
N GLN A 207 -5.92 -26.30 2.57
CA GLN A 207 -4.59 -26.59 2.08
C GLN A 207 -3.90 -27.52 3.06
N PRO A 208 -2.97 -28.36 2.56
CA PRO A 208 -2.07 -29.08 3.46
C PRO A 208 -1.32 -28.14 4.39
N ASN A 209 -0.94 -28.66 5.56
CA ASN A 209 -0.32 -27.92 6.65
C ASN A 209 -1.19 -26.78 7.18
N TRP A 210 -2.37 -26.58 6.62
CA TRP A 210 -3.26 -25.51 7.05
C TRP A 210 -4.49 -26.05 7.76
N ILE A 211 -4.93 -25.33 8.79
CA ILE A 211 -6.23 -25.53 9.42
C ILE A 211 -7.08 -24.33 9.06
N THR A 212 -8.20 -24.57 8.40
CA THR A 212 -9.05 -23.49 7.90
C THR A 212 -10.23 -23.29 8.84
N LEU A 213 -10.51 -22.04 9.19
CA LEU A 213 -11.69 -21.70 9.97
C LEU A 213 -12.63 -20.86 9.13
N GLY A 214 -13.88 -21.29 9.02
CA GLY A 214 -14.88 -20.60 8.23
C GLY A 214 -16.27 -21.06 8.60
N ASN A 215 -17.26 -20.18 8.43
CA ASN A 215 -18.62 -20.55 8.81
C ASN A 215 -19.35 -21.26 7.68
N GLN A 216 -18.85 -21.20 6.44
CA GLN A 216 -19.48 -21.89 5.32
C GLN A 216 -18.78 -23.20 5.00
N LEU A 217 -18.12 -23.80 5.97
CA LEU A 217 -17.35 -25.01 5.75
C LEU A 217 -18.16 -26.25 6.10
N ASP A 218 -17.66 -27.40 5.65
CA ASP A 218 -18.38 -28.67 5.77
C ASP A 218 -17.99 -29.32 7.08
N GLY A 219 -18.57 -28.82 8.17
CA GLY A 219 -18.44 -29.46 9.46
C GLY A 219 -17.05 -29.28 10.05
N ILE A 220 -16.62 -30.27 10.82
CA ILE A 220 -15.29 -30.29 11.44
C ILE A 220 -14.50 -31.49 10.91
N HIS A 221 -13.28 -31.24 10.43
CA HIS A 221 -12.39 -32.30 9.92
C HIS A 221 -11.00 -32.10 10.48
N LEU A 222 -10.65 -32.80 11.57
CA LEU A 222 -9.38 -32.61 12.25
C LEU A 222 -8.60 -33.91 12.31
N LEU A 223 -7.29 -33.82 12.08
CA LEU A 223 -6.43 -35.00 12.02
C LEU A 223 -5.21 -34.91 12.92
N ASP A 224 -4.76 -33.72 13.29
CA ASP A 224 -3.71 -33.56 14.27
C ASP A 224 -4.19 -34.10 15.61
N PRO A 225 -3.50 -35.08 16.19
CA PRO A 225 -3.96 -35.64 17.48
C PRO A 225 -4.06 -34.62 18.63
N ASP A 226 -3.02 -33.79 18.83
CA ASP A 226 -3.08 -32.82 19.93
C ASP A 226 -4.31 -31.92 19.82
N VAL A 227 -4.68 -31.54 18.59
CA VAL A 227 -5.87 -30.72 18.41
C VAL A 227 -7.12 -31.55 18.70
N VAL A 228 -7.22 -32.75 18.14
CA VAL A 228 -8.41 -33.59 18.33
C VAL A 228 -8.69 -33.77 19.81
N ALA A 229 -7.65 -34.02 20.59
CA ALA A 229 -7.75 -34.09 22.05
C ALA A 229 -8.39 -32.84 22.64
N ARG A 230 -7.69 -31.71 22.54
CA ARG A 230 -8.16 -30.49 23.19
C ARG A 230 -9.55 -30.08 22.72
N PHE A 231 -9.93 -30.50 21.51
CA PHE A 231 -11.27 -30.25 21.04
C PHE A 231 -12.29 -31.07 21.82
N LYS A 232 -12.07 -32.38 21.92
CA LYS A 232 -12.99 -33.24 22.67
C LYS A 232 -13.11 -32.78 24.13
N GLN A 233 -11.97 -32.41 24.74
CA GLN A 233 -12.00 -31.87 26.10
C GLN A 233 -12.88 -30.61 26.18
N ARG A 234 -12.62 -29.62 25.34
CA ARG A 234 -13.35 -28.36 25.43
C ARG A 234 -14.79 -28.50 24.92
N TYR A 235 -15.01 -29.27 23.85
CA TYR A 235 -16.34 -29.48 23.28
C TYR A 235 -16.65 -30.98 23.23
N PRO A 236 -17.13 -31.56 24.33
CA PRO A 236 -17.46 -33.00 24.31
C PRO A 236 -18.57 -33.38 23.33
N ASP A 237 -19.58 -32.54 23.14
CA ASP A 237 -20.71 -32.85 22.27
C ASP A 237 -20.70 -32.03 20.98
N GLY A 238 -19.52 -31.62 20.52
CA GLY A 238 -19.36 -30.85 19.29
C GLY A 238 -20.33 -29.72 19.05
N ILE A 239 -20.20 -28.61 19.78
CA ILE A 239 -21.11 -27.48 19.60
C ILE A 239 -20.52 -26.20 20.22
N ILE A 240 -20.46 -25.13 19.44
CA ILE A 240 -20.06 -23.82 19.96
C ILE A 240 -21.26 -22.87 19.98
N ASP B 13 2.00 -19.50 -12.14
CA ASP B 13 2.54 -19.00 -10.87
C ASP B 13 3.83 -18.19 -11.08
N TYR B 14 3.67 -16.88 -11.36
CA TYR B 14 4.83 -16.02 -11.60
C TYR B 14 5.67 -15.82 -10.34
N CYS B 15 5.13 -16.15 -9.16
CA CYS B 15 5.91 -16.07 -7.93
C CYS B 15 6.96 -17.17 -7.88
N GLN B 16 6.57 -18.40 -8.22
CA GLN B 16 7.57 -19.47 -8.37
C GLN B 16 8.51 -19.16 -9.52
N HIS B 17 7.99 -18.61 -10.62
CA HIS B 17 8.87 -18.22 -11.72
C HIS B 17 9.94 -17.22 -11.26
N PHE B 18 9.57 -16.28 -10.37
CA PHE B 18 10.58 -15.34 -9.85
C PHE B 18 11.59 -16.06 -8.98
N VAL B 19 11.13 -17.05 -8.19
CA VAL B 19 12.04 -17.83 -7.36
C VAL B 19 12.97 -18.66 -8.22
N ASP B 20 12.56 -18.97 -9.46
CA ASP B 20 13.38 -19.75 -10.37
C ASP B 20 14.39 -18.86 -11.12
N THR B 21 13.92 -17.80 -11.75
CA THR B 21 14.73 -17.07 -12.72
C THR B 21 15.14 -15.67 -12.30
N GLY B 22 14.53 -15.08 -11.28
CA GLY B 22 14.86 -13.73 -10.87
C GLY B 22 14.09 -12.63 -11.57
N HIS B 23 13.14 -12.97 -12.42
CA HIS B 23 12.24 -12.01 -13.04
C HIS B 23 11.05 -11.74 -12.12
N ARG B 24 10.94 -10.50 -11.66
CA ARG B 24 9.81 -10.13 -10.83
C ARG B 24 8.50 -10.39 -11.59
N PRO B 25 7.44 -10.81 -10.91
CA PRO B 25 6.19 -11.13 -11.62
C PRO B 25 5.67 -9.97 -12.45
N GLN B 26 5.98 -8.73 -12.09
CA GLN B 26 5.45 -7.60 -12.83
C GLN B 26 6.06 -7.48 -14.22
N ASN B 27 7.23 -8.10 -14.44
CA ASN B 27 7.86 -8.12 -15.76
C ASN B 27 6.92 -8.63 -16.84
N PHE B 28 5.91 -9.41 -16.47
CA PHE B 28 5.10 -10.10 -17.45
C PHE B 28 3.74 -9.45 -17.68
N ILE B 29 3.48 -8.31 -17.05
CA ILE B 29 2.24 -7.61 -17.35
C ILE B 29 2.36 -6.98 -18.74
N ARG B 30 1.39 -7.24 -19.59
CA ARG B 30 1.40 -6.65 -20.91
C ARG B 30 0.66 -5.32 -20.89
N ASP B 31 1.08 -4.41 -21.78
CA ASP B 31 0.42 -3.11 -21.95
C ASP B 31 0.61 -2.24 -20.71
N VAL B 32 1.87 -1.96 -20.35
CA VAL B 32 2.17 -1.25 -19.11
C VAL B 32 3.50 -0.52 -19.21
N GLU B 46 -11.16 5.42 -26.61
CA GLU B 46 -11.39 6.61 -25.82
C GLU B 46 -10.14 7.54 -25.85
N LEU B 47 -10.32 8.77 -26.32
CA LEU B 47 -9.23 9.73 -26.48
C LEU B 47 -9.40 10.86 -25.48
N ILE B 48 -8.79 10.70 -24.30
CA ILE B 48 -8.70 11.78 -23.33
C ILE B 48 -7.52 12.66 -23.71
N ARG B 49 -7.51 13.12 -24.96
CA ARG B 49 -6.47 14.05 -25.40
C ARG B 49 -6.87 15.49 -25.14
N LEU B 50 -8.15 15.83 -25.27
CA LEU B 50 -8.65 17.15 -24.92
C LEU B 50 -8.21 17.49 -23.50
N LYS B 51 -8.73 16.77 -22.50
CA LYS B 51 -8.06 16.77 -21.21
C LYS B 51 -6.61 16.37 -21.43
N ASP B 52 -5.71 17.24 -20.98
CA ASP B 52 -4.27 17.26 -21.26
C ASP B 52 -3.97 18.54 -22.02
N GLU B 53 -4.65 18.71 -23.16
CA GLU B 53 -4.61 19.99 -23.85
C GLU B 53 -5.23 21.07 -22.97
N LEU B 54 -6.43 20.81 -22.44
CA LEU B 54 -7.07 21.76 -21.54
C LEU B 54 -6.22 22.00 -20.31
N ILE B 55 -5.67 20.92 -19.74
CA ILE B 55 -4.73 21.06 -18.64
C ILE B 55 -3.58 21.96 -19.04
N ALA B 56 -3.01 21.73 -20.23
CA ALA B 56 -1.83 22.49 -20.63
C ALA B 56 -2.17 23.95 -20.95
N LYS B 57 -3.36 24.22 -21.47
CA LYS B 57 -3.75 25.60 -21.65
C LYS B 57 -3.92 26.30 -20.31
N SER B 58 -4.40 25.57 -19.30
CA SER B 58 -4.70 26.14 -18.00
C SER B 58 -3.46 26.27 -17.10
N ASN B 59 -2.36 25.57 -17.41
CA ASN B 59 -1.19 25.57 -16.54
C ASN B 59 -0.59 26.95 -16.36
N THR B 60 -0.43 27.37 -15.11
CA THR B 60 0.40 28.53 -14.81
C THR B 60 1.81 28.27 -15.34
N PRO B 61 2.56 29.32 -15.62
CA PRO B 61 3.99 29.15 -15.88
C PRO B 61 4.63 28.40 -14.74
N PRO B 62 5.65 27.61 -15.00
CA PRO B 62 6.34 26.92 -13.89
C PRO B 62 7.03 27.92 -12.99
N MET B 63 6.83 27.77 -11.69
CA MET B 63 7.57 28.53 -10.70
C MET B 63 8.27 27.60 -9.74
N TYR B 64 9.36 28.11 -9.17
CA TYR B 64 10.27 27.27 -8.42
C TYR B 64 11.08 28.17 -7.49
N LEU B 65 11.55 27.60 -6.39
CA LEU B 65 12.22 28.36 -5.34
C LEU B 65 13.19 27.44 -4.62
N GLN B 66 14.47 27.78 -4.62
CA GLN B 66 15.41 27.10 -3.74
C GLN B 66 15.07 27.46 -2.30
N ALA B 67 14.97 26.44 -1.44
CA ALA B 67 14.65 26.67 -0.03
C ALA B 67 15.06 25.45 0.76
N ASP B 68 15.82 25.67 1.81
CA ASP B 68 16.32 24.60 2.67
C ASP B 68 15.25 24.29 3.70
N ILE B 69 14.36 23.33 3.35
CA ILE B 69 13.01 23.27 3.92
C ILE B 69 13.03 23.10 5.43
N GLU B 70 13.98 22.30 5.95
CA GLU B 70 14.11 22.18 7.40
C GLU B 70 14.12 23.56 8.05
N ALA B 71 15.00 24.44 7.58
CA ALA B 71 15.20 25.77 8.11
C ALA B 71 14.28 26.83 7.50
N PHE B 72 13.28 26.43 6.74
CA PHE B 72 12.49 27.37 5.96
C PHE B 72 11.09 27.42 6.54
N ASP B 73 10.61 28.62 6.87
CA ASP B 73 9.27 28.71 7.44
C ASP B 73 8.25 28.50 6.33
N ILE B 74 7.49 27.41 6.42
CA ILE B 74 6.64 27.01 5.32
C ILE B 74 5.57 28.06 5.02
N ARG B 75 5.16 28.84 6.03
CA ARG B 75 4.03 29.76 5.85
C ARG B 75 4.28 30.79 4.74
N GLU B 76 5.55 31.18 4.51
CA GLU B 76 5.88 32.08 3.41
C GLU B 76 5.35 31.65 2.05
N LEU B 77 4.88 30.42 1.95
CA LEU B 77 4.39 29.87 0.68
C LEU B 77 2.90 30.11 0.63
N THR B 78 2.49 31.11 -0.13
CA THR B 78 1.11 31.49 -0.28
C THR B 78 0.78 31.62 -1.76
N PRO B 79 -0.51 31.51 -2.13
CA PRO B 79 -1.67 31.24 -1.28
C PRO B 79 -1.76 29.78 -0.90
N LYS B 80 -2.88 29.40 -0.30
CA LYS B 80 -3.06 28.02 0.15
C LYS B 80 -3.25 27.12 -1.07
N PHE B 81 -2.67 25.94 -1.02
CA PHE B 81 -2.51 25.10 -2.20
C PHE B 81 -3.67 24.12 -2.38
N ASP B 82 -4.10 23.94 -3.63
CA ASP B 82 -5.11 22.94 -3.93
C ASP B 82 -4.55 21.52 -3.88
N VAL B 83 -3.29 21.34 -4.27
CA VAL B 83 -2.68 20.02 -4.30
C VAL B 83 -1.26 20.14 -3.77
N ILE B 84 -0.83 19.18 -2.95
CA ILE B 84 0.54 19.15 -2.45
C ILE B 84 1.12 17.78 -2.77
N LEU B 85 2.26 17.77 -3.43
CA LEU B 85 3.02 16.58 -3.74
C LEU B 85 4.32 16.67 -2.96
N LEU B 86 4.60 15.65 -2.16
CA LEU B 86 5.61 15.75 -1.13
C LEU B 86 6.53 14.54 -1.23
N GLU B 87 7.81 14.81 -1.50
CA GLU B 87 8.74 13.80 -2.02
C GLU B 87 10.02 13.79 -1.20
N PRO B 88 9.92 13.61 0.11
CA PRO B 88 11.07 13.88 0.98
C PRO B 88 12.13 12.81 0.79
N PRO B 89 13.37 13.16 0.87
CA PRO B 89 14.44 12.20 0.60
C PRO B 89 14.65 11.16 1.69
N LEU B 90 14.06 9.98 1.52
CA LEU B 90 14.14 8.94 2.52
C LEU B 90 15.49 8.26 2.48
N GLU B 91 16.02 7.95 3.68
CA GLU B 91 17.29 7.22 3.79
C GLU B 91 17.30 5.98 2.91
N GLU B 92 16.20 5.22 2.93
CA GLU B 92 16.12 4.01 2.13
C GLU B 92 16.33 4.27 0.64
N TYR B 93 16.05 5.48 0.16
CA TYR B 93 16.29 5.78 -1.25
C TYR B 93 17.77 5.70 -1.63
N TYR B 94 18.67 5.78 -0.66
CA TYR B 94 20.11 5.63 -0.86
C TYR B 94 20.51 4.27 -0.29
N ARG B 95 20.15 3.21 -1.02
CA ARG B 95 20.58 1.86 -0.66
C ARG B 95 22.09 1.80 -0.81
N GLU B 96 22.57 1.93 -2.03
CA GLU B 96 24.00 2.02 -2.26
C GLU B 96 24.40 3.45 -2.62
N THR B 97 24.17 4.39 -1.71
CA THR B 97 24.56 5.78 -1.92
C THR B 97 24.39 6.62 -0.63
N LYS B 104 21.60 15.20 2.62
CA LYS B 104 20.85 15.01 3.86
C LYS B 104 19.58 14.18 3.69
N CYS B 105 19.54 12.96 4.23
CA CYS B 105 18.31 12.19 4.25
C CYS B 105 17.35 12.76 5.28
N TRP B 106 16.05 12.77 4.95
CA TRP B 106 15.00 13.15 5.89
C TRP B 106 14.44 11.91 6.59
N THR B 107 14.38 11.94 7.91
CA THR B 107 13.70 10.90 8.67
C THR B 107 12.21 11.22 8.74
N TRP B 108 11.42 10.20 9.05
CA TRP B 108 9.99 10.42 9.24
C TRP B 108 9.74 11.31 10.44
N ASP B 109 10.66 11.28 11.40
CA ASP B 109 10.67 12.24 12.50
C ASP B 109 10.67 13.66 11.94
N ASP B 110 11.60 13.94 11.02
CA ASP B 110 11.66 15.26 10.40
C ASP B 110 10.37 15.57 9.66
N ILE B 111 9.87 14.59 8.89
CA ILE B 111 8.75 14.87 7.99
C ILE B 111 7.51 15.20 8.78
N MET B 112 7.22 14.39 9.80
CA MET B 112 6.06 14.62 10.65
C MET B 112 6.03 16.02 11.25
N LYS B 113 7.18 16.64 11.43
CA LYS B 113 7.20 17.97 12.03
C LYS B 113 6.96 19.09 11.03
N LEU B 114 6.86 18.80 9.73
CA LEU B 114 6.55 19.84 8.75
C LEU B 114 5.13 20.32 8.95
N GLU B 115 4.93 21.63 8.82
CA GLU B 115 3.67 22.27 9.16
C GLU B 115 2.73 22.28 7.95
N ILE B 116 2.48 21.10 7.38
CA ILE B 116 1.81 21.03 6.08
C ILE B 116 0.43 21.67 6.13
N ASP B 117 -0.30 21.47 7.24
CA ASP B 117 -1.66 21.97 7.37
C ASP B 117 -1.73 23.48 7.22
N GLU B 118 -0.64 24.19 7.54
CA GLU B 118 -0.64 25.65 7.50
C GLU B 118 -0.66 26.21 6.08
N ILE B 119 -0.33 25.41 5.08
CA ILE B 119 -0.32 25.90 3.70
C ILE B 119 -1.27 25.13 2.80
N ALA B 120 -2.01 24.17 3.35
CA ALA B 120 -3.01 23.45 2.58
C ALA B 120 -4.32 24.23 2.59
N ALA B 121 -5.00 24.22 1.46
CA ALA B 121 -6.31 24.84 1.41
C ALA B 121 -7.32 24.00 2.17
N PRO B 122 -8.42 24.62 2.64
CA PRO B 122 -9.43 23.87 3.40
C PRO B 122 -9.96 22.64 2.69
N ARG B 123 -10.17 22.73 1.37
CA ARG B 123 -10.40 21.54 0.56
C ARG B 123 -9.17 21.39 -0.31
N SER B 124 -8.46 20.28 -0.18
CA SER B 124 -7.21 20.10 -0.91
C SER B 124 -6.81 18.64 -0.86
N PHE B 125 -5.71 18.33 -1.55
CA PHE B 125 -5.24 16.96 -1.72
C PHE B 125 -3.74 16.92 -1.49
N ILE B 126 -3.27 15.80 -0.96
CA ILE B 126 -1.85 15.59 -0.81
C ILE B 126 -1.49 14.28 -1.48
N PHE B 127 -0.32 14.24 -2.08
CA PHE B 127 0.26 13.02 -2.61
C PHE B 127 1.64 12.92 -1.98
N LEU B 128 1.83 11.87 -1.17
CA LEU B 128 3.02 11.70 -0.34
C LEU B 128 3.66 10.37 -0.71
N TRP B 129 4.91 10.45 -1.17
CA TRP B 129 5.70 9.27 -1.47
C TRP B 129 6.21 8.69 -0.17
N CYS B 130 6.01 7.39 0.04
CA CYS B 130 6.24 6.78 1.32
C CYS B 130 7.27 5.67 1.29
N GLY B 131 7.82 5.36 0.12
CA GLY B 131 8.78 4.28 0.04
C GLY B 131 8.06 2.95 0.14
N SER B 132 8.71 1.99 0.77
CA SER B 132 8.08 0.69 0.96
C SER B 132 8.34 0.12 2.34
N GLY B 133 8.80 0.93 3.30
CA GLY B 133 9.13 0.39 4.60
C GLY B 133 8.18 0.97 5.63
N GLU B 134 8.77 1.49 6.72
CA GLU B 134 8.00 2.12 7.78
C GLU B 134 7.15 3.28 7.26
N GLY B 135 7.52 3.87 6.11
CA GLY B 135 6.75 4.97 5.57
C GLY B 135 5.30 4.61 5.28
N LEU B 136 5.01 3.34 5.01
CA LEU B 136 3.62 2.98 4.74
C LEU B 136 2.76 3.18 5.96
N ASP B 137 3.38 3.21 7.15
CA ASP B 137 2.67 3.46 8.39
C ASP B 137 2.84 4.91 8.82
N LEU B 138 4.10 5.35 8.99
CA LEU B 138 4.36 6.71 9.41
C LEU B 138 3.76 7.73 8.45
N GLY B 139 3.77 7.43 7.14
CA GLY B 139 3.10 8.32 6.20
C GLY B 139 1.61 8.47 6.48
N ARG B 140 0.96 7.39 6.91
CA ARG B 140 -0.45 7.51 7.30
C ARG B 140 -0.62 8.35 8.56
N VAL B 141 0.33 8.27 9.49
CA VAL B 141 0.27 9.16 10.65
C VAL B 141 0.34 10.60 10.19
N CYS B 142 1.29 10.91 9.31
CA CYS B 142 1.41 12.26 8.77
C CYS B 142 0.10 12.73 8.16
N LEU B 143 -0.48 11.93 7.27
CA LEU B 143 -1.70 12.37 6.61
C LEU B 143 -2.75 12.78 7.65
N ARG B 144 -2.97 11.93 8.67
CA ARG B 144 -3.92 12.27 9.74
C ARG B 144 -3.44 13.47 10.55
N LYS B 145 -2.13 13.55 10.81
CA LYS B 145 -1.63 14.66 11.60
C LYS B 145 -1.99 15.99 10.97
N TRP B 146 -1.85 16.08 9.65
CA TRP B 146 -2.10 17.29 8.88
C TRP B 146 -3.55 17.46 8.49
N GLY B 147 -4.40 16.46 8.74
CA GLY B 147 -5.83 16.62 8.56
C GLY B 147 -6.45 15.91 7.38
N TYR B 148 -5.73 15.03 6.70
CA TYR B 148 -6.30 14.33 5.56
C TYR B 148 -6.78 12.94 5.97
N ARG B 149 -7.69 12.41 5.17
CA ARG B 149 -8.05 11.00 5.15
C ARG B 149 -7.53 10.38 3.86
N ARG B 150 -7.00 9.16 3.94
CA ARG B 150 -6.49 8.53 2.73
C ARG B 150 -7.64 8.03 1.88
N CYS B 151 -7.71 8.45 0.63
CA CYS B 151 -8.70 7.82 -0.24
C CYS B 151 -8.09 6.96 -1.33
N GLU B 152 -6.77 7.03 -1.56
CA GLU B 152 -6.13 6.25 -2.60
C GLU B 152 -4.68 5.91 -2.24
N ASP B 153 -4.28 4.68 -2.56
CA ASP B 153 -2.94 4.16 -2.35
C ASP B 153 -2.41 3.74 -3.72
N ILE B 154 -1.52 4.55 -4.27
CA ILE B 154 -0.98 4.37 -5.62
C ILE B 154 0.36 3.65 -5.53
N CYS B 155 0.52 2.55 -6.26
CA CYS B 155 1.76 1.77 -6.24
C CYS B 155 2.59 1.95 -7.51
N TRP B 156 3.86 2.24 -7.31
CA TRP B 156 4.86 2.22 -8.37
C TRP B 156 5.53 0.86 -8.32
N ILE B 157 5.14 -0.02 -9.25
CA ILE B 157 5.70 -1.36 -9.36
C ILE B 157 6.86 -1.34 -10.33
N LYS B 158 8.05 -1.70 -9.84
CA LYS B 158 9.29 -1.62 -10.60
C LYS B 158 9.62 -2.98 -11.19
N THR B 159 9.62 -3.06 -12.53
CA THR B 159 10.09 -4.25 -13.23
C THR B 159 11.61 -4.27 -13.32
N ASN B 160 12.21 -5.47 -13.26
CA ASN B 160 13.65 -5.60 -13.47
C ASN B 160 13.96 -6.37 -14.77
N LYS B 161 13.35 -5.96 -15.88
CA LYS B 161 13.50 -6.67 -17.14
C LYS B 161 14.93 -6.60 -17.67
N ASN B 162 15.67 -5.55 -17.31
CA ASN B 162 17.02 -5.33 -17.79
C ASN B 162 18.09 -5.75 -16.79
N ASN B 163 17.76 -6.61 -15.84
CA ASN B 163 18.75 -7.12 -14.90
C ASN B 163 18.12 -8.21 -14.05
N PRO B 164 17.59 -9.28 -14.66
CA PRO B 164 17.02 -10.36 -13.85
C PRO B 164 17.97 -10.89 -12.82
N GLY B 165 19.27 -10.89 -13.12
CA GLY B 165 20.26 -11.37 -12.18
C GLY B 165 20.84 -10.26 -11.33
N LYS B 166 20.00 -9.63 -10.51
CA LYS B 166 20.45 -8.67 -9.51
C LYS B 166 19.57 -8.88 -8.28
N THR B 167 20.15 -9.51 -7.26
CA THR B 167 19.43 -9.76 -6.01
C THR B 167 19.35 -8.49 -5.18
N LYS B 168 18.28 -8.40 -4.38
CA LYS B 168 17.98 -7.19 -3.62
C LYS B 168 18.48 -7.35 -2.18
N THR B 169 19.41 -6.48 -1.77
CA THR B 169 19.84 -6.40 -0.38
C THR B 169 18.69 -5.87 0.47
N LEU B 170 18.15 -6.73 1.33
CA LEU B 170 16.87 -6.44 2.00
C LEU B 170 17.06 -5.61 3.25
N ASP B 171 16.01 -4.85 3.60
CA ASP B 171 15.88 -4.28 4.93
C ASP B 171 15.87 -5.40 5.97
N PRO B 172 16.50 -5.21 7.14
CA PRO B 172 16.45 -6.25 8.18
C PRO B 172 15.05 -6.75 8.50
N LYS B 173 14.09 -5.84 8.67
CA LYS B 173 12.75 -6.25 9.01
C LYS B 173 12.02 -6.90 7.83
N ALA B 174 12.57 -6.76 6.62
CA ALA B 174 11.90 -7.27 5.43
C ALA B 174 11.72 -8.78 5.48
N VAL B 175 10.58 -9.21 4.99
CA VAL B 175 10.30 -10.62 4.82
C VAL B 175 10.41 -11.00 3.34
N PHE B 176 10.09 -10.08 2.44
CA PHE B 176 10.15 -10.35 1.01
C PHE B 176 11.06 -9.35 0.33
N GLN B 177 11.43 -9.65 -0.90
CA GLN B 177 12.15 -8.65 -1.69
C GLN B 177 11.18 -7.53 -2.05
N ARG B 178 11.58 -6.29 -1.79
CA ARG B 178 10.69 -5.14 -2.00
C ARG B 178 10.90 -4.52 -3.37
N THR B 179 9.85 -4.49 -4.18
CA THR B 179 9.97 -4.16 -5.60
C THR B 179 9.03 -3.04 -6.02
N LYS B 180 8.58 -2.23 -5.08
CA LYS B 180 7.55 -1.24 -5.37
C LYS B 180 7.70 -0.10 -4.38
N GLU B 181 7.00 1.00 -4.65
CA GLU B 181 6.94 2.14 -3.72
C GLU B 181 5.50 2.65 -3.71
N HIS B 182 5.05 3.18 -2.57
CA HIS B 182 3.67 3.66 -2.45
C HIS B 182 3.61 5.18 -2.44
N CYS B 183 2.65 5.73 -3.16
CA CYS B 183 2.31 7.14 -3.07
C CYS B 183 0.90 7.23 -2.52
N LEU B 184 0.75 7.84 -1.35
CA LEU B 184 -0.55 7.89 -0.69
C LEU B 184 -1.28 9.17 -1.05
N MET B 185 -2.57 9.05 -1.36
CA MET B 185 -3.39 10.20 -1.71
C MET B 185 -4.30 10.55 -0.53
N GLY B 186 -4.18 11.78 -0.03
CA GLY B 186 -5.01 12.27 1.04
C GLY B 186 -5.97 13.34 0.56
N ILE B 187 -7.12 13.44 1.22
CA ILE B 187 -8.11 14.48 0.97
C ILE B 187 -8.46 15.12 2.31
N LYS B 188 -8.68 16.43 2.30
CA LYS B 188 -9.24 17.14 3.45
C LYS B 188 -10.37 18.03 2.97
N GLY B 189 -11.51 17.95 3.64
CA GLY B 189 -12.65 18.75 3.25
C GLY B 189 -13.65 17.96 2.43
N THR B 190 -14.69 18.67 2.00
CA THR B 190 -15.83 18.08 1.30
C THR B 190 -15.45 17.46 -0.04
N VAL B 204 -10.35 7.83 -14.77
CA VAL B 204 -9.75 7.32 -16.00
C VAL B 204 -8.50 6.50 -15.69
N ASP B 205 -7.83 6.84 -14.59
CA ASP B 205 -6.54 6.27 -14.23
C ASP B 205 -6.69 5.11 -13.24
N ILE B 206 -5.71 4.21 -13.27
CA ILE B 206 -5.62 3.10 -12.34
C ILE B 206 -4.78 3.59 -11.17
N ASP B 207 -4.73 2.80 -10.09
CA ASP B 207 -3.87 3.11 -8.95
C ASP B 207 -2.52 2.40 -9.03
N LEU B 208 -1.98 2.19 -10.25
CA LEU B 208 -0.71 1.49 -10.49
C LEU B 208 0.14 2.25 -11.49
N ILE B 209 1.44 2.34 -11.23
CA ILE B 209 2.42 2.84 -12.18
C ILE B 209 3.49 1.76 -12.34
N ILE B 210 3.68 1.27 -13.56
CA ILE B 210 4.66 0.22 -13.84
C ILE B 210 5.75 0.83 -14.73
N THR B 211 6.98 0.82 -14.23
CA THR B 211 8.14 1.23 -15.00
C THR B 211 9.31 0.37 -14.54
N GLU B 212 10.41 0.45 -15.29
CA GLU B 212 11.61 -0.30 -14.96
C GLU B 212 12.30 0.34 -13.77
N GLU B 213 13.05 -0.45 -13.02
CA GLU B 213 13.67 0.09 -11.84
C GLU B 213 14.80 1.06 -12.22
N PRO B 214 14.82 2.26 -11.67
CA PRO B 214 15.86 3.22 -12.04
C PRO B 214 17.23 2.75 -11.60
N GLU B 215 18.25 3.28 -12.29
CA GLU B 215 19.64 2.93 -11.98
C GLU B 215 19.96 3.27 -10.54
N ILE B 216 20.86 2.48 -9.94
CA ILE B 216 21.09 2.59 -8.49
C ILE B 216 21.44 4.04 -8.16
N GLY B 217 20.80 4.59 -7.11
CA GLY B 217 21.04 5.96 -6.72
C GLY B 217 20.38 7.00 -7.59
N ASN B 218 19.56 6.60 -8.56
CA ASN B 218 18.64 7.56 -9.18
C ASN B 218 17.33 7.58 -8.39
N ILE B 219 17.02 8.72 -7.78
CA ILE B 219 15.88 8.74 -6.88
C ILE B 219 14.62 9.26 -7.56
N GLU B 220 14.64 9.43 -8.87
CA GLU B 220 13.52 10.07 -9.52
C GLU B 220 12.27 9.19 -9.42
N LYS B 221 11.18 9.79 -9.13
CA LYS B 221 9.92 9.08 -9.20
C LYS B 221 9.30 9.23 -10.58
N PRO B 222 8.54 8.23 -11.04
CA PRO B 222 7.93 8.32 -12.37
C PRO B 222 7.08 9.56 -12.57
N VAL B 223 7.37 10.30 -13.64
CA VAL B 223 6.59 11.45 -14.10
C VAL B 223 5.11 11.12 -14.17
N GLU B 224 4.78 9.84 -14.38
CA GLU B 224 3.38 9.44 -14.47
C GLU B 224 2.57 9.90 -13.28
N ILE B 225 3.20 10.02 -12.10
CA ILE B 225 2.47 10.51 -10.95
C ILE B 225 1.84 11.85 -11.29
N PHE B 226 2.54 12.69 -12.06
CA PHE B 226 2.02 14.01 -12.39
C PHE B 226 0.81 13.90 -13.29
N HIS B 227 0.84 12.99 -14.26
CA HIS B 227 -0.33 12.78 -15.10
C HIS B 227 -1.51 12.32 -14.27
N ILE B 228 -1.29 11.40 -13.32
CA ILE B 228 -2.38 10.94 -12.49
C ILE B 228 -2.97 12.10 -11.69
N ILE B 229 -2.13 12.99 -11.21
CA ILE B 229 -2.64 14.11 -10.44
C ILE B 229 -3.41 15.07 -11.33
N GLU B 230 -2.78 15.53 -12.41
CA GLU B 230 -3.41 16.54 -13.24
C GLU B 230 -4.77 16.07 -13.77
N HIS B 231 -4.88 14.78 -14.13
CA HIS B 231 -6.14 14.27 -14.65
C HIS B 231 -7.27 14.28 -13.62
N PHE B 232 -6.97 14.42 -12.34
CA PHE B 232 -8.00 14.55 -11.33
C PHE B 232 -8.72 15.88 -11.41
N CYS B 233 -8.04 16.93 -11.87
CA CYS B 233 -8.63 18.28 -12.03
C CYS B 233 -9.01 18.87 -10.69
N LEU B 234 -8.04 18.91 -9.77
CA LEU B 234 -8.27 19.30 -8.38
C LEU B 234 -7.98 20.76 -8.11
N GLY B 235 -7.74 21.57 -9.14
CA GLY B 235 -7.39 22.96 -8.98
C GLY B 235 -5.97 23.25 -9.41
N ARG B 236 -5.66 24.53 -9.44
CA ARG B 236 -4.47 25.00 -10.12
C ARG B 236 -3.31 25.35 -9.19
N ARG B 237 -3.54 25.51 -7.89
CA ARG B 237 -2.41 25.82 -7.01
C ARG B 237 -1.76 24.51 -6.61
N ARG B 238 -0.64 24.19 -7.25
CA ARG B 238 -0.02 22.89 -7.09
C ARG B 238 1.42 23.08 -6.64
N LEU B 239 1.75 22.50 -5.50
CA LEU B 239 3.06 22.63 -4.88
C LEU B 239 3.71 21.27 -4.83
N HIS B 240 5.00 21.24 -5.14
CA HIS B 240 5.80 20.03 -5.12
C HIS B 240 6.96 20.32 -4.19
N LEU B 241 6.92 19.71 -3.02
CA LEU B 241 7.92 19.94 -1.99
C LEU B 241 8.99 18.88 -2.15
N PHE B 242 10.25 19.31 -2.16
CA PHE B 242 11.42 18.47 -2.41
C PHE B 242 11.57 18.05 -3.87
N GLY B 243 10.95 18.78 -4.79
CA GLY B 243 11.30 18.63 -6.19
C GLY B 243 12.73 19.08 -6.47
N ARG B 244 13.18 18.80 -7.68
CA ARG B 244 14.51 19.18 -8.15
C ARG B 244 14.37 19.93 -9.47
N ASP B 245 15.50 20.48 -9.95
CA ASP B 245 15.53 21.11 -11.27
C ASP B 245 14.87 20.23 -12.33
N SER B 246 15.06 18.91 -12.21
CA SER B 246 14.54 17.94 -13.17
C SER B 246 13.03 17.75 -13.10
N THR B 247 12.38 18.25 -12.07
CA THR B 247 10.97 17.99 -11.89
C THR B 247 10.13 19.22 -12.14
N ILE B 248 10.77 20.38 -12.34
CA ILE B 248 10.04 21.59 -12.66
C ILE B 248 9.16 21.38 -13.89
N ARG B 249 8.05 22.11 -13.94
CA ARG B 249 6.94 21.65 -14.74
C ARG B 249 5.85 22.71 -14.81
N PRO B 250 5.29 22.98 -15.98
CA PRO B 250 4.17 23.93 -16.06
C PRO B 250 3.09 23.53 -15.09
N GLY B 251 2.39 24.54 -14.58
CA GLY B 251 1.30 24.27 -13.66
C GLY B 251 1.72 23.87 -12.27
N TRP B 252 2.95 24.14 -11.86
CA TRP B 252 3.44 23.63 -10.60
C TRP B 252 4.43 24.61 -9.99
N LEU B 253 4.34 24.78 -8.69
CA LEU B 253 5.36 25.47 -7.91
C LEU B 253 6.24 24.42 -7.23
N THR B 254 7.52 24.47 -7.52
CA THR B 254 8.49 23.54 -6.97
C THR B 254 9.34 24.22 -5.91
N VAL B 255 9.45 23.61 -4.74
CA VAL B 255 10.33 24.07 -3.66
C VAL B 255 11.23 22.92 -3.23
N GLY B 256 12.53 23.15 -3.17
CA GLY B 256 13.43 22.14 -2.71
C GLY B 256 14.78 22.72 -2.41
N PRO B 257 15.59 21.98 -1.66
CA PRO B 257 16.93 22.47 -1.31
C PRO B 257 17.96 22.46 -2.42
N THR B 258 17.83 21.57 -3.40
CA THR B 258 18.84 21.41 -4.43
C THR B 258 18.59 22.26 -5.67
N LEU B 259 17.43 22.94 -5.77
CA LEU B 259 17.19 23.79 -6.94
C LEU B 259 18.31 24.81 -7.11
N THR B 260 18.74 25.01 -8.36
CA THR B 260 19.87 25.90 -8.61
C THR B 260 19.44 27.32 -8.91
N ASN B 261 18.17 27.56 -9.19
CA ASN B 261 17.68 28.90 -9.50
C ASN B 261 16.32 29.09 -8.84
N SER B 262 15.95 30.33 -8.62
CA SER B 262 14.60 30.58 -8.13
C SER B 262 13.99 31.66 -9.00
N ASN B 263 12.68 31.59 -9.13
CA ASN B 263 11.94 32.66 -9.78
C ASN B 263 10.70 32.99 -8.97
N TYR B 264 10.55 32.42 -7.78
CA TYR B 264 9.29 32.51 -7.05
C TYR B 264 9.04 33.92 -6.55
N ASN B 265 7.81 34.39 -6.72
CA ASN B 265 7.41 35.66 -6.14
C ASN B 265 5.94 35.55 -5.74
N ALA B 266 5.67 35.70 -4.43
CA ALA B 266 4.34 35.44 -3.91
C ALA B 266 3.28 36.26 -4.62
N GLU B 267 3.53 37.56 -4.77
CA GLU B 267 2.53 38.41 -5.40
C GLU B 267 2.33 38.00 -6.86
N THR B 268 3.40 37.67 -7.56
CA THR B 268 3.26 37.19 -8.93
C THR B 268 2.50 35.88 -8.97
N TYR B 269 2.89 34.93 -8.11
CA TYR B 269 2.21 33.65 -8.04
C TYR B 269 0.72 33.81 -7.75
N ALA B 270 0.38 34.72 -6.84
CA ALA B 270 -1.02 34.92 -6.48
C ALA B 270 -1.81 35.49 -7.64
N SER B 271 -1.17 36.33 -8.45
CA SER B 271 -1.86 36.95 -9.57
C SER B 271 -2.43 35.92 -10.53
N TYR B 272 -1.82 34.73 -10.64
CA TYR B 272 -2.32 33.72 -11.56
C TYR B 272 -3.66 33.16 -11.13
N PHE B 273 -4.11 33.42 -9.91
CA PHE B 273 -5.35 32.86 -9.41
C PHE B 273 -6.33 33.92 -8.94
N SER B 274 -5.96 35.19 -8.98
CA SER B 274 -6.96 36.22 -8.71
C SER B 274 -8.09 36.11 -9.72
N ALA B 275 -9.26 36.61 -9.34
CA ALA B 275 -10.46 36.53 -10.16
C ALA B 275 -10.14 37.02 -11.56
N PRO B 276 -10.77 36.46 -12.61
CA PRO B 276 -11.84 35.46 -12.56
C PRO B 276 -11.34 34.01 -12.63
N ASN B 277 -10.27 33.68 -11.92
CA ASN B 277 -9.59 32.41 -12.14
C ASN B 277 -9.45 31.56 -10.88
N SER B 278 -10.06 32.00 -9.77
CA SER B 278 -9.71 31.47 -8.46
C SER B 278 -10.14 30.01 -8.30
N TYR B 279 -11.23 29.60 -8.94
CA TYR B 279 -11.84 28.31 -8.66
C TYR B 279 -11.66 27.30 -9.79
N LEU B 280 -10.86 27.63 -10.81
CA LEU B 280 -10.71 26.76 -11.96
C LEU B 280 -10.24 25.38 -11.52
N THR B 281 -10.72 24.34 -12.21
CA THR B 281 -10.22 23.00 -11.91
C THR B 281 -8.86 22.73 -12.55
N GLY B 282 -8.47 23.53 -13.53
CA GLY B 282 -7.35 23.16 -14.37
C GLY B 282 -7.73 22.31 -15.56
N CYS B 283 -9.01 21.94 -15.69
CA CYS B 283 -9.51 21.09 -16.75
C CYS B 283 -10.56 21.78 -17.61
N THR B 284 -10.60 23.11 -17.59
CA THR B 284 -11.58 23.88 -18.35
C THR B 284 -10.84 24.93 -19.16
N GLU B 285 -11.56 25.57 -20.08
CA GLU B 285 -10.94 26.57 -20.94
C GLU B 285 -10.56 27.81 -20.14
N GLU B 286 -9.68 28.63 -20.70
CA GLU B 286 -9.36 29.90 -20.08
C GLU B 286 -10.55 30.86 -20.21
N ILE B 287 -10.77 31.66 -19.17
CA ILE B 287 -11.81 32.69 -19.24
C ILE B 287 -11.32 33.82 -20.13
N GLU B 288 -12.15 34.21 -21.10
CA GLU B 288 -11.76 35.19 -22.13
C GLU B 288 -11.58 36.61 -21.59
C10 UZB C . -13.96 -12.08 3.20
C13 UZB C . -15.14 -12.52 2.35
C15 UZB C . -15.41 -14.77 3.40
C17 UZB C . -17.02 -14.31 5.55
C20 UZB C . -16.14 -16.99 6.08
C22 UZB C . -16.71 -16.36 8.61
C24 UZB C . -18.52 -14.62 9.58
C01 UZB C . -9.87 -9.28 -2.69
C02 UZB C . -9.31 -10.09 -1.48
C03 UZB C . -7.97 -10.74 -1.90
C04 UZB C . -9.06 -9.16 -0.39
C05 UZB C . -10.37 -8.69 0.25
C07 UZB C . -12.43 -9.15 0.86
C08 UZB C . -13.37 -10.27 1.37
C09 UZB C . -13.06 -10.94 2.70
C11 UZB C . -14.56 -10.70 0.51
C12 UZB C . -15.45 -11.84 1.01
C16 UZB C . -16.38 -15.07 4.48
C18 UZB C . -17.82 -15.16 6.53
C19 UZB C . -15.52 -16.15 4.94
C23 UZB C . -17.51 -15.56 9.66
C25 UZB C . -18.88 -14.22 10.86
C27 UZB C . -17.24 -15.75 11.00
C29 UZB C . -15.43 -17.47 10.41
C33 UZB C . -17.06 -14.06 1.92
C34 UZB C . -17.95 -15.19 2.55
C36 UZB C . -11.50 -10.72 -0.44
C37 UZB C . -10.19 -11.19 -1.08
N06 UZB C . -11.35 -9.70 0.58
N14 UZB C . -16.01 -13.61 2.79
N21 UZB C . -16.93 -16.22 7.17
N26 UZB C . -18.07 -14.93 11.73
N28 UZB C . -16.18 -16.72 11.42
N31 UZB C . -15.71 -17.28 9.02
N32 UZB C . -17.58 -15.72 3.89
O35 UZB C . -18.88 -15.60 1.95
CL1 UZB C . -14.15 -18.62 10.89
C ACT D . -6.20 7.75 7.33
O ACT D . -7.15 8.21 6.63
OXT ACT D . -6.26 7.06 8.39
CH3 ACT D . -4.72 8.06 6.85
#